data_4M2K
#
_entry.id   4M2K
#
_cell.length_a   132.802
_cell.length_b   132.802
_cell.length_c   58.879
_cell.angle_alpha   90.00
_cell.angle_beta   90.00
_cell.angle_gamma   90.00
#
_symmetry.space_group_name_H-M   'P 43 21 2'
#
loop_
_entity.id
_entity.type
_entity.pdbx_description
1 polymer Aminotransferase
2 non-polymer "PYRIDOXAL-5'-PHOSPHATE"
3 water water
#
_entity_poly.entity_id   1
_entity_poly.type   'polypeptide(L)'
_entity_poly.pdbx_seq_one_letter_code
;MGSSHHHHHHSSGLVPRGSHMSSLRPRREDPPVLEEWYRRHLGPDIHDISSSGVHPYSFAEIRDVCRIPAADLDAVVMDD
SVSQGGEGVRRAIADRYAGGDADRVLVTHGSSEAIALTLNALLHRGDRVVVQEGIYHSLGHYPRAAGCDVAVLPGRAVRD
GEIDPDVLAGLVTPGTAAVIVNFPHNPTGVTLSPQGLRALKERTAATGAVLVWDAATAEIAHRWEVLADPGADGGDTVSY
GTLSKTFGLPGLRVGWAVAPKELLTATFPLRDRTTLFLSPLVELVAERAVRHADELIGARAAEARHNLAHLTGWMAAHEE
LVRWTPPEGGVCALPVFRELERAAAGPQEVERFCLELLERHRTLLVPGTAFGAPHGARLGFGGPQEDFRAGLDGLSRFLR
ERAAGR
;
_entity_poly.pdbx_strand_id   A
#
loop_
_chem_comp.id
_chem_comp.type
_chem_comp.name
_chem_comp.formula
PLP non-polymer PYRIDOXAL-5'-PHOSPHATE 'C8 H10 N O6 P'
#
# COMPACT_ATOMS: atom_id res chain seq x y z
N SER A 22 11.09 -40.45 -7.52
CA SER A 22 11.64 -39.11 -7.16
C SER A 22 11.00 -38.55 -5.90
N SER A 23 11.83 -37.95 -5.04
CA SER A 23 11.35 -37.40 -3.78
C SER A 23 10.79 -35.96 -3.88
N LEU A 24 10.79 -35.35 -5.05
CA LEU A 24 10.35 -33.94 -5.20
C LEU A 24 8.89 -33.73 -4.76
N ARG A 25 8.71 -33.09 -3.61
CA ARG A 25 7.36 -32.88 -3.06
C ARG A 25 7.21 -31.42 -2.63
N PRO A 26 6.86 -30.52 -3.56
CA PRO A 26 6.88 -29.09 -3.23
C PRO A 26 5.93 -28.79 -2.09
N ARG A 27 6.41 -28.04 -1.10
CA ARG A 27 5.55 -27.57 -0.04
C ARG A 27 4.54 -26.60 -0.64
N ARG A 28 3.27 -26.79 -0.31
CA ARG A 28 2.23 -25.95 -0.89
C ARG A 28 1.58 -25.07 0.17
N GLU A 29 1.33 -23.84 -0.23
CA GLU A 29 0.74 -22.85 0.62
C GLU A 29 -0.26 -22.14 -0.26
N ASP A 30 -1.36 -21.67 0.31
CA ASP A 30 -2.27 -20.85 -0.48
C ASP A 30 -1.65 -19.46 -0.73
N PRO A 31 -1.65 -19.03 -2.00
CA PRO A 31 -1.25 -17.66 -2.36
C PRO A 31 -2.27 -16.64 -1.85
N PRO A 32 -1.82 -15.41 -1.49
CA PRO A 32 -2.80 -14.36 -1.17
C PRO A 32 -3.79 -14.21 -2.33
N VAL A 33 -5.05 -13.95 -2.02
CA VAL A 33 -6.08 -13.84 -3.06
C VAL A 33 -5.76 -12.73 -4.06
N LEU A 34 -5.23 -11.62 -3.56
CA LEU A 34 -4.89 -10.46 -4.39
C LEU A 34 -3.95 -10.80 -5.56
N GLU A 35 -2.81 -11.38 -5.23
CA GLU A 35 -1.79 -11.70 -6.22
C GLU A 35 -2.20 -12.82 -7.18
N GLU A 36 -2.97 -13.79 -6.69
CA GLU A 36 -3.44 -14.89 -7.52
C GLU A 36 -4.50 -14.41 -8.52
N TRP A 37 -5.34 -13.49 -8.04
CA TRP A 37 -6.33 -12.84 -8.91
C TRP A 37 -5.64 -12.20 -10.09
N TYR A 38 -4.58 -11.46 -9.81
CA TYR A 38 -3.84 -10.78 -10.87
C TYR A 38 -3.05 -11.75 -11.77
N ARG A 39 -2.48 -12.81 -11.19
CA ARG A 39 -1.82 -13.83 -12.03
C ARG A 39 -2.81 -14.47 -13.00
N ARG A 40 -4.02 -14.75 -12.56
CA ARG A 40 -5.02 -15.37 -13.45
C ARG A 40 -5.67 -14.42 -14.45
N HIS A 41 -5.80 -13.15 -14.11
CA HIS A 41 -6.68 -12.29 -14.90
C HIS A 41 -6.12 -11.04 -15.48
N LEU A 42 -4.90 -10.67 -15.11
CA LEU A 42 -4.24 -9.56 -15.78
C LEU A 42 -3.98 -10.01 -17.24
N GLY A 43 -3.95 -9.05 -18.16
CA GLY A 43 -3.78 -9.37 -19.58
C GLY A 43 -3.98 -8.16 -20.50
N PRO A 44 -3.92 -8.40 -21.83
CA PRO A 44 -4.13 -7.31 -22.79
C PRO A 44 -5.62 -7.07 -23.03
N ASP A 45 -5.95 -5.92 -23.62
CA ASP A 45 -7.33 -5.62 -24.06
C ASP A 45 -8.37 -5.70 -22.94
N ILE A 46 -8.02 -5.17 -21.77
CA ILE A 46 -8.98 -5.03 -20.67
C ILE A 46 -9.00 -3.59 -20.20
N HIS A 47 -10.08 -3.21 -19.53
CA HIS A 47 -10.14 -1.92 -18.87
C HIS A 47 -9.83 -2.13 -17.41
N ASP A 48 -8.58 -1.84 -17.05
CA ASP A 48 -8.11 -2.13 -15.70
C ASP A 48 -8.35 -0.94 -14.78
N ILE A 49 -9.40 -1.05 -13.98
CA ILE A 49 -9.76 0.00 -13.01
C ILE A 49 -9.72 -0.64 -11.63
N SER A 50 -8.67 -1.40 -11.37
CA SER A 50 -8.54 -2.21 -10.16
C SER A 50 -7.34 -1.85 -9.26
N SER A 51 -6.46 -0.97 -9.71
CA SER A 51 -5.14 -0.82 -9.06
C SER A 51 -5.20 0.06 -7.81
N SER A 52 -4.32 -0.18 -6.83
CA SER A 52 -4.16 0.74 -5.72
C SER A 52 -3.10 1.79 -5.99
N GLY A 53 -2.55 1.80 -7.20
CA GLY A 53 -1.53 2.79 -7.57
C GLY A 53 -1.84 3.65 -8.79
N VAL A 54 -1.06 4.72 -8.96
CA VAL A 54 -1.19 5.58 -10.14
C VAL A 54 -0.48 4.91 -11.33
N HIS A 55 -0.96 5.17 -12.54
CA HIS A 55 -0.45 4.41 -13.68
C HIS A 55 1.03 4.71 -13.93
N PRO A 56 1.79 3.73 -14.44
CA PRO A 56 3.24 3.87 -14.49
C PRO A 56 3.77 4.89 -15.51
N TYR A 57 4.86 5.58 -15.17
CA TYR A 57 5.59 6.36 -16.17
C TYR A 57 6.41 5.44 -17.06
N SER A 58 6.75 5.91 -18.27
CA SER A 58 7.77 5.24 -19.08
C SER A 58 9.13 5.71 -18.57
N PHE A 59 10.17 4.95 -18.87
CA PHE A 59 11.54 5.35 -18.48
C PHE A 59 11.95 6.68 -19.17
N ALA A 60 11.46 6.89 -20.40
CA ALA A 60 11.70 8.19 -21.08
C ALA A 60 11.22 9.37 -20.24
N GLU A 61 9.98 9.29 -19.74
CA GLU A 61 9.42 10.35 -18.88
C GLU A 61 10.22 10.54 -17.60
N ILE A 62 10.69 9.44 -17.01
CA ILE A 62 11.48 9.50 -15.80
C ILE A 62 12.79 10.22 -16.07
N ARG A 63 13.47 9.87 -17.16
CA ARG A 63 14.73 10.56 -17.46
C ARG A 63 14.48 12.07 -17.67
N ASP A 64 13.39 12.39 -18.37
CA ASP A 64 13.00 13.79 -18.61
C ASP A 64 12.73 14.54 -17.29
N VAL A 65 11.74 14.09 -16.51
CA VAL A 65 11.38 14.74 -15.25
C VAL A 65 12.51 14.72 -14.21
N CYS A 66 13.19 13.58 -14.07
CA CYS A 66 14.18 13.46 -13.00
C CYS A 66 15.58 13.86 -13.41
N ARG A 67 15.72 14.35 -14.64
CA ARG A 67 17.01 14.89 -15.12
C ARG A 67 18.08 13.80 -15.07
N ILE A 68 17.87 12.75 -15.86
CA ILE A 68 18.82 11.64 -15.92
C ILE A 68 19.41 11.55 -17.34
N PRO A 69 20.59 12.18 -17.56
CA PRO A 69 21.27 12.06 -18.84
C PRO A 69 21.75 10.62 -19.02
N ALA A 70 21.75 10.12 -20.26
CA ALA A 70 22.26 8.79 -20.58
C ALA A 70 23.65 8.60 -19.99
N ALA A 71 24.46 9.66 -20.02
CA ALA A 71 25.83 9.62 -19.46
C ALA A 71 25.90 9.31 -17.97
N ASP A 72 24.90 9.74 -17.20
CA ASP A 72 24.89 9.44 -15.76
C ASP A 72 24.61 7.95 -15.51
N LEU A 73 23.70 7.37 -16.29
CA LEU A 73 23.47 5.93 -16.25
C LEU A 73 24.73 5.18 -16.70
N ASP A 74 25.31 5.62 -17.83
CA ASP A 74 26.51 4.98 -18.41
C ASP A 74 27.71 4.94 -17.47
N ALA A 75 27.83 5.93 -16.58
CA ALA A 75 28.93 5.98 -15.62
C ALA A 75 28.82 4.96 -14.49
N VAL A 76 27.65 4.34 -14.32
CA VAL A 76 27.45 3.45 -13.17
C VAL A 76 28.24 2.16 -13.44
N VAL A 77 29.12 1.83 -12.50
CA VAL A 77 29.83 0.55 -12.48
C VAL A 77 28.88 -0.46 -11.82
N MET A 78 28.62 -1.58 -12.51
CA MET A 78 27.67 -2.59 -12.05
C MET A 78 28.21 -3.48 -10.92
N ASP A 79 28.69 -2.84 -9.87
CA ASP A 79 29.30 -3.49 -8.72
C ASP A 79 28.28 -3.69 -7.60
N ASP A 80 28.70 -4.39 -6.54
CA ASP A 80 27.90 -4.56 -5.30
C ASP A 80 27.44 -3.21 -4.78
N SER A 81 26.20 -3.12 -4.29
CA SER A 81 25.84 -1.97 -3.44
C SER A 81 26.02 -2.41 -1.99
N VAL A 82 25.33 -1.77 -1.05
CA VAL A 82 25.54 -2.07 0.39
C VAL A 82 24.22 -2.52 1.07
N SER A 83 24.36 -3.22 2.20
CA SER A 83 23.24 -3.86 2.94
C SER A 83 22.08 -2.93 3.31
N GLN A 84 22.41 -1.69 3.70
CA GLN A 84 21.35 -0.78 4.15
C GLN A 84 20.72 0.02 3.00
N GLY A 85 21.33 -0.02 1.82
CA GLY A 85 20.91 0.80 0.68
C GLY A 85 22.00 1.81 0.43
N GLY A 86 22.21 2.13 -0.84
CA GLY A 86 23.22 3.11 -1.27
C GLY A 86 23.04 4.45 -0.57
N GLU A 87 24.15 5.15 -0.31
CA GLU A 87 24.09 6.37 0.48
C GLU A 87 23.22 7.46 -0.17
N GLY A 88 23.36 7.65 -1.48
CA GLY A 88 22.61 8.68 -2.20
C GLY A 88 21.09 8.50 -2.08
N VAL A 89 20.60 7.31 -2.43
CA VAL A 89 19.17 7.05 -2.30
C VAL A 89 18.69 7.10 -0.84
N ARG A 90 19.51 6.63 0.12
CA ARG A 90 19.11 6.68 1.52
C ARG A 90 18.89 8.13 1.98
N ARG A 91 19.76 9.02 1.48
CA ARG A 91 19.76 10.43 1.88
C ARG A 91 18.53 11.14 1.34
N ALA A 92 18.19 10.81 0.11
CA ALA A 92 17.05 11.41 -0.60
C ALA A 92 15.77 11.03 0.13
N ILE A 93 15.66 9.74 0.46
CA ILE A 93 14.51 9.24 1.26
C ILE A 93 14.50 9.84 2.66
N ALA A 94 15.67 9.89 3.30
CA ALA A 94 15.79 10.42 4.66
C ALA A 94 15.37 11.87 4.74
N ASP A 95 15.68 12.63 3.70
CA ASP A 95 15.32 14.05 3.67
C ASP A 95 13.82 14.25 3.59
N ARG A 96 13.14 13.37 2.85
CA ARG A 96 11.71 13.50 2.70
C ARG A 96 10.92 12.87 3.86
N TYR A 97 11.39 11.75 4.40
CA TYR A 97 10.58 10.99 5.35
C TYR A 97 11.21 10.66 6.70
N ALA A 98 12.48 11.01 6.91
CA ALA A 98 13.14 10.63 8.16
C ALA A 98 13.80 11.82 8.86
N GLY A 99 13.32 13.03 8.54
CA GLY A 99 13.91 14.27 9.06
C GLY A 99 15.39 14.38 8.77
N GLY A 100 15.83 13.83 7.64
CA GLY A 100 17.24 13.91 7.22
C GLY A 100 18.23 12.92 7.82
N ASP A 101 17.75 12.03 8.70
CA ASP A 101 18.61 10.98 9.29
C ASP A 101 18.71 9.73 8.39
N ALA A 102 19.69 9.72 7.50
CA ALA A 102 19.94 8.60 6.59
C ALA A 102 20.28 7.28 7.29
N ASP A 103 20.75 7.35 8.54
CA ASP A 103 20.94 6.15 9.36
C ASP A 103 19.70 5.36 9.71
N ARG A 104 18.54 6.00 9.62
CA ARG A 104 17.28 5.33 10.00
C ARG A 104 16.50 4.87 8.76
N VAL A 105 17.19 4.79 7.62
CA VAL A 105 16.51 4.38 6.38
C VAL A 105 17.09 3.06 5.89
N LEU A 106 16.21 2.15 5.43
CA LEU A 106 16.65 0.89 4.84
C LEU A 106 15.99 0.81 3.49
N VAL A 107 16.79 0.75 2.41
CA VAL A 107 16.23 0.77 1.06
C VAL A 107 16.12 -0.66 0.53
N THR A 108 14.94 -0.98 -0.01
CA THR A 108 14.57 -2.38 -0.27
C THR A 108 13.88 -2.57 -1.60
N HIS A 109 13.75 -3.83 -2.01
CA HIS A 109 13.19 -4.18 -3.30
C HIS A 109 11.70 -4.09 -3.15
N GLY A 110 11.16 -2.89 -3.38
CA GLY A 110 9.77 -2.55 -3.00
C GLY A 110 9.62 -2.42 -1.48
N SER A 111 8.48 -1.90 -1.02
CA SER A 111 8.20 -1.96 0.42
C SER A 111 7.89 -3.41 0.83
N SER A 112 7.56 -4.28 -0.12
CA SER A 112 7.35 -5.68 0.24
C SER A 112 8.57 -6.25 1.00
N GLU A 113 9.77 -5.99 0.49
CA GLU A 113 10.97 -6.49 1.13
C GLU A 113 11.20 -5.82 2.49
N ALA A 114 10.97 -4.51 2.57
CA ALA A 114 11.13 -3.78 3.85
C ALA A 114 10.20 -4.38 4.93
N ILE A 115 8.97 -4.72 4.54
CA ILE A 115 8.01 -5.36 5.45
C ILE A 115 8.55 -6.71 5.92
N ALA A 116 8.98 -7.56 4.98
CA ALA A 116 9.45 -8.93 5.28
C ALA A 116 10.67 -8.85 6.23
N LEU A 117 11.60 -7.98 5.90
CA LEU A 117 12.84 -7.84 6.68
C LEU A 117 12.61 -7.34 8.11
N THR A 118 11.91 -6.21 8.25
CA THR A 118 11.75 -5.58 9.56
C THR A 118 10.80 -6.35 10.46
N LEU A 119 9.74 -6.93 9.88
CA LEU A 119 8.79 -7.68 10.74
C LEU A 119 9.36 -9.00 11.24
N ASN A 120 10.20 -9.65 10.41
N ASN A 120 10.21 -9.65 10.43
CA ASN A 120 10.95 -10.79 10.84
CA ASN A 120 10.95 -10.79 10.88
C ASN A 120 11.87 -10.48 12.01
C ASN A 120 11.86 -10.48 12.07
N ALA A 121 12.47 -9.30 12.04
CA ALA A 121 13.34 -8.85 13.13
C ALA A 121 12.55 -8.28 14.34
N LEU A 122 11.34 -7.78 14.10
CA LEU A 122 10.58 -7.06 15.13
C LEU A 122 9.74 -7.98 16.02
N LEU A 123 9.06 -8.95 15.40
CA LEU A 123 7.96 -9.64 16.03
C LEU A 123 8.39 -10.92 16.77
N HIS A 124 7.82 -11.17 17.96
CA HIS A 124 8.16 -12.36 18.77
C HIS A 124 6.97 -13.20 19.07
N ARG A 125 7.19 -14.51 19.15
CA ARG A 125 6.12 -15.45 19.48
C ARG A 125 5.54 -15.00 20.82
N GLY A 126 4.21 -14.99 20.91
CA GLY A 126 3.53 -14.57 22.15
C GLY A 126 3.28 -13.08 22.35
N ASP A 127 3.95 -12.22 21.58
CA ASP A 127 3.71 -10.78 21.63
C ASP A 127 2.24 -10.45 21.34
N ARG A 128 1.62 -9.57 22.14
CA ARG A 128 0.30 -9.03 21.78
C ARG A 128 0.50 -7.99 20.69
N VAL A 129 -0.16 -8.18 19.56
N VAL A 129 -0.15 -8.17 19.56
CA VAL A 129 -0.04 -7.26 18.43
CA VAL A 129 -0.04 -7.19 18.49
C VAL A 129 -1.42 -6.84 17.97
C VAL A 129 -1.43 -6.83 18.02
N VAL A 130 -1.60 -5.55 17.68
CA VAL A 130 -2.89 -5.07 17.18
C VAL A 130 -2.72 -4.83 15.69
N VAL A 131 -3.63 -5.39 14.90
CA VAL A 131 -3.57 -5.33 13.44
C VAL A 131 -4.86 -4.77 12.89
N GLN A 132 -4.76 -3.75 12.05
CA GLN A 132 -5.90 -3.18 11.31
C GLN A 132 -6.68 -4.24 10.53
N GLU A 133 -8.01 -4.21 10.67
CA GLU A 133 -8.87 -5.14 9.92
C GLU A 133 -8.68 -4.94 8.42
N GLY A 134 -8.62 -6.04 7.67
CA GLY A 134 -8.51 -5.99 6.19
C GLY A 134 -7.20 -5.34 5.72
N ILE A 135 -6.14 -5.51 6.49
CA ILE A 135 -4.85 -4.90 6.14
C ILE A 135 -4.21 -5.69 4.97
N TYR A 136 -3.36 -5.01 4.19
CA TYR A 136 -2.62 -5.62 3.10
C TYR A 136 -2.04 -6.99 3.53
N HIS A 137 -2.22 -8.01 2.69
CA HIS A 137 -1.95 -9.42 3.11
C HIS A 137 -0.64 -9.65 3.81
N SER A 138 0.45 -9.09 3.30
CA SER A 138 1.73 -9.41 3.93
C SER A 138 1.86 -8.82 5.36
N LEU A 139 1.22 -7.69 5.60
CA LEU A 139 1.23 -7.06 6.93
C LEU A 139 0.46 -7.93 7.92
N GLY A 140 -0.60 -8.60 7.46
CA GLY A 140 -1.35 -9.51 8.32
C GLY A 140 -0.67 -10.87 8.46
N HIS A 141 0.16 -11.23 7.48
CA HIS A 141 0.78 -12.54 7.48
C HIS A 141 1.86 -12.70 8.50
N TYR A 142 2.74 -11.71 8.59
CA TYR A 142 3.95 -11.85 9.44
C TYR A 142 3.68 -12.01 10.94
N PRO A 143 2.74 -11.23 11.51
CA PRO A 143 2.39 -11.50 12.93
C PRO A 143 1.76 -12.90 13.16
N ARG A 144 0.89 -13.34 12.26
CA ARG A 144 0.32 -14.69 12.33
C ARG A 144 1.44 -15.71 12.30
N ALA A 145 2.31 -15.61 11.28
CA ALA A 145 3.42 -16.56 11.11
C ALA A 145 4.44 -16.50 12.22
N ALA A 146 4.62 -15.35 12.87
CA ALA A 146 5.56 -15.30 14.00
C ALA A 146 4.94 -15.92 15.29
N GLY A 147 3.65 -16.25 15.26
CA GLY A 147 2.96 -16.74 16.47
C GLY A 147 2.67 -15.63 17.49
N CYS A 148 2.48 -14.40 17.02
CA CYS A 148 1.98 -13.33 17.87
C CYS A 148 0.55 -13.57 18.30
N ASP A 149 0.17 -12.94 19.40
CA ASP A 149 -1.21 -12.95 19.87
C ASP A 149 -1.90 -11.74 19.25
N VAL A 150 -2.68 -11.98 18.18
CA VAL A 150 -3.20 -10.88 17.35
C VAL A 150 -4.62 -10.48 17.77
N ALA A 151 -4.81 -9.19 18.03
CA ALA A 151 -6.13 -8.60 18.17
C ALA A 151 -6.34 -7.66 16.98
N VAL A 152 -7.54 -7.72 16.42
CA VAL A 152 -7.88 -6.89 15.28
C VAL A 152 -8.41 -5.50 15.68
N LEU A 153 -7.93 -4.46 14.99
CA LEU A 153 -8.53 -3.12 15.10
C LEU A 153 -9.67 -3.03 14.07
N PRO A 154 -10.94 -2.98 14.55
CA PRO A 154 -12.08 -3.04 13.62
C PRO A 154 -12.10 -1.84 12.67
N GLY A 155 -12.41 -2.07 11.40
CA GLY A 155 -12.47 -0.96 10.43
C GLY A 155 -13.48 0.10 10.82
N ARG A 156 -14.59 -0.31 11.44
CA ARG A 156 -15.62 0.65 11.83
C ARG A 156 -15.16 1.64 12.92
N ALA A 157 -14.07 1.31 13.63
CA ALA A 157 -13.50 2.22 14.65
C ALA A 157 -12.73 3.40 14.09
N VAL A 158 -12.46 3.38 12.78
CA VAL A 158 -11.71 4.48 12.16
C VAL A 158 -12.70 5.37 11.42
N ARG A 159 -12.90 6.59 11.92
CA ARG A 159 -13.85 7.50 11.27
C ARG A 159 -13.56 8.95 11.62
N ASP A 160 -13.79 9.85 10.65
CA ASP A 160 -13.47 11.26 10.81
C ASP A 160 -12.03 11.54 11.25
N GLY A 161 -11.11 10.73 10.71
CA GLY A 161 -9.69 11.03 10.85
C GLY A 161 -9.05 10.52 12.11
N GLU A 162 -9.81 9.76 12.90
CA GLU A 162 -9.29 9.24 14.17
C GLU A 162 -9.76 7.81 14.41
N ILE A 163 -8.97 7.07 15.17
CA ILE A 163 -9.44 5.80 15.70
C ILE A 163 -10.24 6.13 16.96
N ASP A 164 -11.46 5.61 17.02
CA ASP A 164 -12.33 5.76 18.19
C ASP A 164 -11.49 5.61 19.46
N PRO A 165 -11.38 6.68 20.27
CA PRO A 165 -10.49 6.64 21.44
C PRO A 165 -10.87 5.51 22.42
N ASP A 166 -12.14 5.13 22.44
CA ASP A 166 -12.62 4.05 23.32
C ASP A 166 -12.15 2.70 22.83
N VAL A 167 -11.97 2.59 21.52
CA VAL A 167 -11.52 1.34 20.93
C VAL A 167 -10.00 1.23 21.12
N LEU A 168 -9.30 2.33 20.88
CA LEU A 168 -7.85 2.38 21.04
C LEU A 168 -7.43 2.05 22.48
N ALA A 169 -8.26 2.48 23.44
CA ALA A 169 -8.02 2.31 24.88
C ALA A 169 -8.09 0.84 25.29
N GLY A 170 -8.99 0.07 24.67
CA GLY A 170 -9.10 -1.35 25.00
C GLY A 170 -8.11 -2.24 24.28
N LEU A 171 -7.65 -1.78 23.11
CA LEU A 171 -6.80 -2.62 22.25
C LEU A 171 -5.34 -2.41 22.56
N VAL A 172 -4.97 -1.16 22.82
CA VAL A 172 -3.56 -0.88 23.06
C VAL A 172 -3.26 -0.41 24.47
N THR A 173 -2.70 -1.35 25.23
CA THR A 173 -2.59 -1.29 26.68
C THR A 173 -1.14 -1.66 27.05
N PRO A 174 -0.74 -1.49 28.32
CA PRO A 174 0.66 -1.80 28.62
C PRO A 174 0.93 -3.25 28.27
N GLY A 175 2.09 -3.51 27.65
CA GLY A 175 2.45 -4.86 27.20
C GLY A 175 2.11 -5.13 25.74
N THR A 176 1.27 -4.29 25.12
CA THR A 176 1.03 -4.36 23.67
C THR A 176 2.35 -4.14 22.95
N ALA A 177 2.76 -5.10 22.11
CA ALA A 177 4.11 -5.02 21.51
C ALA A 177 4.18 -4.17 20.25
N ALA A 178 3.15 -4.23 19.42
CA ALA A 178 3.15 -3.49 18.15
C ALA A 178 1.72 -3.21 17.72
N VAL A 179 1.53 -2.11 16.99
CA VAL A 179 0.24 -1.76 16.37
C VAL A 179 0.53 -1.55 14.88
N ILE A 180 -0.17 -2.29 14.03
CA ILE A 180 0.21 -2.35 12.63
C ILE A 180 -0.95 -1.83 11.80
N VAL A 181 -0.72 -0.73 11.08
CA VAL A 181 -1.79 -0.07 10.30
C VAL A 181 -1.28 0.40 8.94
N ASN A 182 -2.22 0.59 8.01
CA ASN A 182 -1.91 1.16 6.71
C ASN A 182 -2.87 2.32 6.44
N PHE A 183 -2.34 3.55 6.42
CA PHE A 183 -3.13 4.75 6.16
C PHE A 183 -2.37 5.67 5.21
N PRO A 184 -3.02 6.11 4.13
CA PRO A 184 -4.37 5.73 3.64
C PRO A 184 -4.44 4.23 3.40
N HIS A 185 -5.61 3.65 3.64
CA HIS A 185 -5.79 2.21 3.65
C HIS A 185 -6.13 1.65 2.28
N ASN A 186 -5.34 0.68 1.85
CA ASN A 186 -5.66 -0.10 0.65
C ASN A 186 -6.57 -1.23 1.13
N PRO A 187 -7.83 -1.31 0.64
CA PRO A 187 -8.48 -0.66 -0.50
C PRO A 187 -9.51 0.45 -0.20
N THR A 188 -9.80 0.77 1.05
CA THR A 188 -10.96 1.64 1.34
C THR A 188 -10.64 3.13 1.16
N GLY A 189 -9.36 3.47 1.28
CA GLY A 189 -8.93 4.84 1.20
C GLY A 189 -9.15 5.59 2.50
N VAL A 190 -9.70 4.84 3.59
N VAL A 190 -9.60 4.91 3.56
CA VAL A 190 -9.75 5.52 4.89
CA VAL A 190 -9.71 5.52 4.88
C VAL A 190 -8.35 5.93 5.38
C VAL A 190 -8.33 5.97 5.40
N THR A 191 -8.28 7.11 6.06
CA THR A 191 -6.99 7.60 6.60
C THR A 191 -7.19 8.39 7.87
N LEU A 192 -6.10 8.89 8.44
CA LEU A 192 -6.21 9.71 9.64
C LEU A 192 -5.97 11.18 9.32
N SER A 193 -6.49 12.07 10.18
CA SER A 193 -6.12 13.47 10.20
C SER A 193 -4.83 13.60 11.01
N PRO A 194 -4.13 14.74 10.90
CA PRO A 194 -2.96 14.94 11.76
C PRO A 194 -3.28 14.77 13.26
N GLN A 195 -4.45 15.25 13.68
CA GLN A 195 -4.93 15.02 15.04
C GLN A 195 -5.10 13.51 15.37
N GLY A 196 -5.74 12.77 14.47
CA GLY A 196 -5.87 11.31 14.65
C GLY A 196 -4.54 10.59 14.80
N LEU A 197 -3.57 10.95 13.95
CA LEU A 197 -2.23 10.37 14.01
C LEU A 197 -1.52 10.69 15.31
N ARG A 198 -1.64 11.95 15.75
CA ARG A 198 -1.07 12.37 17.02
C ARG A 198 -1.65 11.54 18.17
N ALA A 199 -2.95 11.34 18.18
CA ALA A 199 -3.59 10.56 19.26
C ALA A 199 -3.13 9.08 19.23
N LEU A 200 -3.04 8.52 18.02
CA LEU A 200 -2.50 7.15 17.87
C LEU A 200 -1.07 7.05 18.42
N LYS A 201 -0.20 7.98 18.02
CA LYS A 201 1.19 7.99 18.49
C LYS A 201 1.33 8.14 20.00
N GLU A 202 0.44 8.94 20.60
CA GLU A 202 0.45 9.15 22.05
C GLU A 202 0.10 7.86 22.78
N ARG A 203 -0.90 7.13 22.29
CA ARG A 203 -1.28 5.87 22.90
C ARG A 203 -0.15 4.81 22.77
N THR A 204 0.46 4.68 21.60
CA THR A 204 1.59 3.74 21.45
C THR A 204 2.82 4.16 22.29
N ALA A 205 3.12 5.45 22.33
CA ALA A 205 4.25 5.92 23.14
C ALA A 205 3.98 5.65 24.62
N ALA A 206 2.75 5.85 25.07
CA ALA A 206 2.40 5.65 26.49
C ALA A 206 2.55 4.19 26.93
N THR A 207 2.25 3.26 26.05
CA THR A 207 2.23 1.85 26.39
C THR A 207 3.54 1.17 26.05
N GLY A 208 4.38 1.85 25.27
CA GLY A 208 5.63 1.26 24.76
C GLY A 208 5.45 0.34 23.55
N ALA A 209 4.25 0.31 22.96
CA ALA A 209 4.04 -0.43 21.70
C ALA A 209 4.80 0.23 20.54
N VAL A 210 5.28 -0.57 19.60
CA VAL A 210 5.89 -0.05 18.36
C VAL A 210 4.78 0.18 17.34
N LEU A 211 4.66 1.43 16.88
CA LEU A 211 3.77 1.73 15.80
C LEU A 211 4.43 1.32 14.48
N VAL A 212 3.69 0.55 13.70
CA VAL A 212 4.18 0.08 12.41
C VAL A 212 3.20 0.65 11.41
N TRP A 213 3.72 1.51 10.54
CA TRP A 213 2.93 2.45 9.78
C TRP A 213 3.24 2.29 8.32
N ASP A 214 2.36 1.59 7.60
CA ASP A 214 2.54 1.47 6.17
C ASP A 214 1.96 2.70 5.47
N ALA A 215 2.86 3.55 4.98
CA ALA A 215 2.49 4.80 4.29
C ALA A 215 2.62 4.75 2.76
N ALA A 216 2.30 3.60 2.14
CA ALA A 216 2.41 3.42 0.67
C ALA A 216 1.80 4.58 -0.14
N THR A 217 0.61 5.03 0.27
CA THR A 217 -0.11 6.08 -0.47
C THR A 217 -0.19 7.40 0.30
N ALA A 218 0.75 7.62 1.21
CA ALA A 218 0.74 8.80 2.08
C ALA A 218 0.71 10.13 1.33
N GLU A 219 1.37 10.17 0.18
CA GLU A 219 1.55 11.41 -0.56
C GLU A 219 0.28 11.94 -1.23
N ILE A 220 -0.75 11.10 -1.32
CA ILE A 220 -2.00 11.52 -1.94
C ILE A 220 -3.14 11.50 -0.89
N ALA A 221 -3.54 12.70 -0.45
CA ALA A 221 -4.54 12.87 0.62
C ALA A 221 -5.62 13.81 0.11
N HIS A 222 -6.88 13.43 0.33
CA HIS A 222 -8.01 14.20 -0.20
C HIS A 222 -8.78 14.98 0.84
N ARG A 223 -8.80 14.50 2.08
CA ARG A 223 -9.67 15.14 3.07
C ARG A 223 -8.94 16.03 4.06
N TRP A 224 -7.83 15.52 4.60
CA TRP A 224 -6.97 16.30 5.48
C TRP A 224 -5.62 16.43 4.84
N GLU A 225 -4.67 17.06 5.51
CA GLU A 225 -3.36 17.20 4.88
C GLU A 225 -2.63 15.85 4.85
N VAL A 226 -1.65 15.75 3.96
CA VAL A 226 -0.69 14.66 3.93
C VAL A 226 -0.09 14.47 5.33
N LEU A 227 -0.10 13.22 5.81
CA LEU A 227 0.43 12.92 7.14
C LEU A 227 1.94 12.89 7.17
N ALA A 228 2.52 13.70 8.04
CA ALA A 228 3.96 13.70 8.25
C ALA A 228 4.35 12.30 8.71
N ASP A 229 5.43 11.77 8.12
CA ASP A 229 5.87 10.43 8.46
C ASP A 229 6.30 10.32 9.93
N PRO A 230 5.64 9.44 10.70
CA PRO A 230 5.97 9.26 12.11
C PRO A 230 7.41 8.79 12.30
N GLY A 231 7.98 8.26 11.21
CA GLY A 231 9.40 7.89 11.14
C GLY A 231 10.32 9.07 11.42
N ALA A 232 9.89 10.28 11.03
CA ALA A 232 10.65 11.51 11.21
C ALA A 232 10.77 11.93 12.68
N ASP A 233 9.92 11.36 13.54
CA ASP A 233 9.95 11.65 14.99
C ASP A 233 11.22 11.16 15.69
N GLY A 234 11.82 10.10 15.15
CA GLY A 234 13.09 9.61 15.68
C GLY A 234 12.93 8.73 16.90
N GLY A 235 11.73 8.17 17.08
CA GLY A 235 11.43 7.21 18.15
C GLY A 235 11.35 5.77 17.67
N ASP A 236 10.68 4.91 18.45
CA ASP A 236 10.51 3.49 18.13
C ASP A 236 9.22 3.27 17.33
N THR A 237 9.28 3.67 16.07
CA THR A 237 8.19 3.45 15.12
C THR A 237 8.88 2.90 13.88
N VAL A 238 8.12 2.14 13.10
CA VAL A 238 8.61 1.57 11.84
C VAL A 238 7.60 2.07 10.82
N SER A 239 8.06 2.77 9.78
CA SER A 239 7.14 3.11 8.70
C SER A 239 7.66 2.68 7.35
N TYR A 240 6.76 2.33 6.45
CA TYR A 240 7.13 1.90 5.12
C TYR A 240 6.72 2.94 4.11
N GLY A 241 7.51 3.03 3.04
CA GLY A 241 7.12 3.78 1.86
C GLY A 241 7.58 3.03 0.63
N THR A 242 7.09 3.45 -0.52
CA THR A 242 7.44 2.80 -1.77
C THR A 242 7.31 3.81 -2.92
N LEU A 243 8.00 3.55 -4.03
CA LEU A 243 7.80 4.31 -5.26
C LEU A 243 6.64 3.69 -6.05
N SER A 244 6.05 2.63 -5.52
CA SER A 244 5.12 1.84 -6.34
C SER A 244 3.71 2.39 -6.58
N LYS A 245 3.20 3.19 -5.64
N LYS A 245 3.21 3.19 -5.64
CA LYS A 245 1.78 3.54 -5.64
CA LYS A 245 1.78 3.55 -5.63
C LYS A 245 1.44 5.00 -5.97
C LYS A 245 1.46 5.00 -5.99
N THR A 246 2.30 5.95 -5.58
CA THR A 246 2.02 7.36 -5.88
C THR A 246 3.00 8.00 -6.88
N PHE A 247 4.12 7.34 -7.13
CA PHE A 247 5.18 7.90 -7.96
C PHE A 247 5.10 7.42 -9.41
N GLY A 248 4.20 6.48 -9.71
CA GLY A 248 4.16 5.85 -11.02
C GLY A 248 5.37 4.94 -11.33
N LEU A 249 5.94 4.33 -10.30
CA LEU A 249 7.13 3.46 -10.52
C LEU A 249 7.04 2.08 -9.86
N PRO A 250 5.92 1.36 -10.03
CA PRO A 250 5.86 0.05 -9.39
C PRO A 250 6.93 -0.87 -9.98
N GLY A 251 7.24 -0.67 -11.27
CA GLY A 251 8.24 -1.48 -11.98
C GLY A 251 9.68 -1.12 -11.64
N LEU A 252 9.93 -0.11 -10.83
CA LEU A 252 11.32 0.14 -10.40
C LEU A 252 11.75 -0.80 -9.24
N ARG A 253 10.79 -1.20 -8.41
CA ARG A 253 11.01 -2.13 -7.28
C ARG A 253 11.91 -1.47 -6.22
N VAL A 254 11.47 -0.30 -5.76
CA VAL A 254 12.17 0.38 -4.70
C VAL A 254 11.19 0.88 -3.64
N GLY A 255 11.42 0.43 -2.40
CA GLY A 255 10.66 0.89 -1.24
C GLY A 255 11.66 1.05 -0.11
N TRP A 256 11.18 1.26 1.12
CA TRP A 256 12.07 1.49 2.25
C TRP A 256 11.32 1.29 3.53
N ALA A 257 12.09 1.17 4.61
CA ALA A 257 11.53 1.30 5.94
C ALA A 257 12.29 2.46 6.62
N VAL A 258 11.60 3.20 7.48
CA VAL A 258 12.24 4.17 8.38
C VAL A 258 12.04 3.61 9.77
N ALA A 259 13.14 3.41 10.49
CA ALA A 259 13.10 2.76 11.78
C ALA A 259 14.40 2.98 12.54
N PRO A 260 14.41 2.71 13.85
CA PRO A 260 15.69 2.85 14.56
C PRO A 260 16.79 1.97 13.93
N LYS A 261 17.99 2.51 13.82
CA LYS A 261 19.14 1.83 13.23
C LYS A 261 19.33 0.40 13.76
N GLU A 262 19.10 0.21 15.07
CA GLU A 262 19.28 -1.10 15.71
C GLU A 262 18.34 -2.17 15.12
N LEU A 263 17.10 -1.81 14.80
CA LEU A 263 16.23 -2.74 14.13
C LEU A 263 16.72 -3.01 12.69
N LEU A 264 17.12 -1.95 11.98
CA LEU A 264 17.55 -2.09 10.58
C LEU A 264 18.75 -3.04 10.39
N THR A 265 19.77 -2.88 11.23
CA THR A 265 20.96 -3.73 11.13
C THR A 265 20.66 -5.16 11.52
N ALA A 266 19.65 -5.37 12.36
CA ALA A 266 19.24 -6.72 12.77
C ALA A 266 18.62 -7.48 11.59
N THR A 267 18.25 -6.75 10.53
CA THR A 267 17.72 -7.39 9.34
C THR A 267 18.84 -7.95 8.42
N PHE A 268 20.08 -7.54 8.66
CA PHE A 268 21.15 -7.89 7.70
C PHE A 268 21.34 -9.41 7.46
N PRO A 269 21.33 -10.24 8.53
CA PRO A 269 21.50 -11.70 8.31
C PRO A 269 20.44 -12.26 7.38
N LEU A 270 19.16 -11.87 7.56
CA LEU A 270 18.11 -12.29 6.62
C LEU A 270 18.40 -11.74 5.23
N ARG A 271 18.77 -10.46 5.13
CA ARG A 271 19.05 -9.90 3.81
C ARG A 271 20.22 -10.63 3.12
N ASP A 272 21.18 -11.07 3.92
CA ASP A 272 22.37 -11.82 3.46
C ASP A 272 22.04 -13.16 2.78
N ARG A 273 20.89 -13.75 3.10
N ARG A 273 20.88 -13.73 3.12
CA ARG A 273 20.53 -15.01 2.47
CA ARG A 273 20.44 -15.02 2.59
C ARG A 273 19.25 -14.90 1.64
C ARG A 273 19.24 -14.90 1.65
N THR A 274 18.90 -13.68 1.25
CA THR A 274 17.74 -13.48 0.35
C THR A 274 18.07 -12.61 -0.85
N THR A 275 18.46 -11.35 -0.64
CA THR A 275 18.63 -10.41 -1.79
C THR A 275 20.03 -9.77 -1.87
N LEU A 276 20.69 -9.74 -0.71
CA LEU A 276 22.02 -9.15 -0.50
C LEU A 276 21.97 -7.62 -0.46
N PHE A 277 21.63 -7.01 -1.59
CA PHE A 277 21.61 -5.54 -1.75
C PHE A 277 20.91 -5.23 -3.08
N LEU A 278 20.67 -3.94 -3.32
CA LEU A 278 20.06 -3.47 -4.57
C LEU A 278 21.12 -3.15 -5.62
N SER A 279 20.66 -2.94 -6.85
CA SER A 279 21.49 -2.51 -7.95
C SER A 279 21.84 -1.01 -7.83
N PRO A 280 23.13 -0.64 -7.96
CA PRO A 280 23.44 0.81 -8.01
C PRO A 280 22.79 1.57 -9.16
N LEU A 281 22.42 0.88 -10.24
CA LEU A 281 21.76 1.52 -11.37
C LEU A 281 20.33 1.88 -11.00
N VAL A 282 19.66 0.93 -10.36
CA VAL A 282 18.32 1.15 -9.81
C VAL A 282 18.34 2.21 -8.71
N GLU A 283 19.36 2.16 -7.84
CA GLU A 283 19.48 3.13 -6.77
C GLU A 283 19.66 4.59 -7.26
N LEU A 284 20.40 4.74 -8.36
N LEU A 284 20.40 4.75 -8.36
CA LEU A 284 20.59 6.05 -8.97
CA LEU A 284 20.59 6.07 -8.95
C LEU A 284 19.23 6.59 -9.43
C LEU A 284 19.24 6.60 -9.46
N VAL A 285 18.49 5.78 -10.17
CA VAL A 285 17.18 6.17 -10.66
C VAL A 285 16.26 6.54 -9.47
N ALA A 286 16.22 5.67 -8.46
CA ALA A 286 15.37 5.90 -7.31
C ALA A 286 15.74 7.21 -6.59
N GLU A 287 17.03 7.48 -6.43
CA GLU A 287 17.48 8.72 -5.80
C GLU A 287 16.92 9.95 -6.53
N ARG A 288 17.06 9.98 -7.84
CA ARG A 288 16.55 11.08 -8.67
C ARG A 288 15.01 11.16 -8.63
N ALA A 289 14.33 10.02 -8.62
CA ALA A 289 12.85 10.02 -8.50
C ALA A 289 12.37 10.65 -7.17
N VAL A 290 13.05 10.29 -6.09
CA VAL A 290 12.68 10.81 -4.78
C VAL A 290 12.94 12.31 -4.67
N ARG A 291 14.08 12.78 -5.17
CA ARG A 291 14.35 14.20 -5.33
C ARG A 291 13.31 14.93 -6.18
N HIS A 292 12.68 14.27 -7.16
CA HIS A 292 11.69 14.93 -8.00
C HIS A 292 10.30 14.44 -7.67
N ALA A 293 10.10 14.05 -6.42
CA ALA A 293 8.85 13.42 -5.97
C ALA A 293 7.61 14.29 -6.24
N ASP A 294 7.72 15.57 -5.92
CA ASP A 294 6.56 16.47 -6.09
C ASP A 294 6.04 16.53 -7.52
N GLU A 295 6.94 16.52 -8.50
CA GLU A 295 6.52 16.55 -9.90
C GLU A 295 5.95 15.24 -10.37
N LEU A 296 6.60 14.12 -9.97
CA LEU A 296 6.13 12.80 -10.38
C LEU A 296 4.76 12.53 -9.78
N ILE A 297 4.64 12.77 -8.48
CA ILE A 297 3.37 12.56 -7.75
C ILE A 297 2.26 13.55 -8.18
N GLY A 298 2.64 14.83 -8.25
CA GLY A 298 1.66 15.91 -8.52
C GLY A 298 0.91 15.70 -9.81
N ALA A 299 1.62 15.38 -10.88
CA ALA A 299 0.95 15.14 -12.16
C ALA A 299 -0.05 13.99 -12.06
N ARG A 300 0.34 12.88 -11.41
CA ARG A 300 -0.55 11.72 -11.32
C ARG A 300 -1.71 11.96 -10.34
N ALA A 301 -1.43 12.69 -9.28
CA ALA A 301 -2.46 13.04 -8.28
C ALA A 301 -3.58 13.90 -8.90
N ALA A 302 -3.22 14.86 -9.77
CA ALA A 302 -4.22 15.67 -10.48
C ALA A 302 -5.14 14.82 -11.37
N GLU A 303 -4.55 13.86 -12.07
CA GLU A 303 -5.30 12.96 -12.93
C GLU A 303 -6.22 12.06 -12.11
N ALA A 304 -5.70 11.51 -11.01
CA ALA A 304 -6.53 10.69 -10.11
C ALA A 304 -7.73 11.51 -9.56
N ARG A 305 -7.47 12.75 -9.15
CA ARG A 305 -8.56 13.60 -8.62
C ARG A 305 -9.59 13.96 -9.70
N HIS A 306 -9.12 14.13 -10.93
CA HIS A 306 -10.04 14.21 -12.09
C HIS A 306 -10.91 12.98 -12.17
N ASN A 307 -10.30 11.80 -12.07
CA ASN A 307 -11.09 10.54 -12.15
C ASN A 307 -12.05 10.41 -10.96
N LEU A 308 -11.56 10.78 -9.79
CA LEU A 308 -12.35 10.75 -8.57
C LEU A 308 -13.61 11.63 -8.64
N ALA A 309 -13.46 12.84 -9.17
CA ALA A 309 -14.61 13.73 -9.33
C ALA A 309 -15.65 13.06 -10.24
N HIS A 310 -15.18 12.45 -11.33
CA HIS A 310 -16.04 11.70 -12.22
C HIS A 310 -16.66 10.46 -11.59
N LEU A 311 -15.87 9.72 -10.81
CA LEU A 311 -16.35 8.55 -10.08
C LEU A 311 -17.45 8.89 -9.06
N THR A 312 -17.27 10.02 -8.36
CA THR A 312 -18.27 10.49 -7.39
C THR A 312 -19.63 10.72 -8.06
N GLY A 313 -19.64 11.40 -9.21
CA GLY A 313 -20.89 11.58 -9.98
C GLY A 313 -21.49 10.25 -10.42
N TRP A 314 -20.63 9.34 -10.87
CA TRP A 314 -21.03 7.98 -11.29
C TRP A 314 -21.69 7.23 -10.14
N MET A 315 -21.11 7.33 -8.95
CA MET A 315 -21.64 6.68 -7.76
C MET A 315 -23.02 7.24 -7.38
N ALA A 316 -23.19 8.56 -7.46
CA ALA A 316 -24.50 9.16 -7.19
C ALA A 316 -25.56 8.66 -8.17
N ALA A 317 -25.17 8.50 -9.44
CA ALA A 317 -26.08 8.03 -10.47
C ALA A 317 -26.44 6.56 -10.29
N HIS A 318 -25.68 5.85 -9.45
CA HIS A 318 -25.87 4.40 -9.26
C HIS A 318 -26.18 4.03 -7.84
N GLU A 319 -26.74 4.95 -7.08
CA GLU A 319 -26.86 4.74 -5.61
C GLU A 319 -27.82 3.61 -5.23
N GLU A 320 -28.71 3.25 -6.16
CA GLU A 320 -29.62 2.12 -5.97
C GLU A 320 -28.87 0.78 -5.93
N LEU A 321 -27.84 0.64 -6.78
CA LEU A 321 -27.05 -0.62 -6.92
C LEU A 321 -25.72 -0.68 -6.15
N VAL A 322 -25.18 0.48 -5.76
CA VAL A 322 -23.84 0.54 -5.17
C VAL A 322 -23.81 1.54 -4.04
N ARG A 323 -23.09 1.20 -2.98
CA ARG A 323 -22.77 2.18 -1.97
C ARG A 323 -21.28 2.23 -1.70
N TRP A 324 -20.83 3.33 -1.13
CA TRP A 324 -19.42 3.42 -0.80
C TRP A 324 -19.18 4.48 0.21
N THR A 325 -18.00 4.37 0.84
CA THR A 325 -17.38 5.46 1.56
C THR A 325 -16.39 6.09 0.54
N PRO A 326 -16.46 7.42 0.36
CA PRO A 326 -15.46 7.98 -0.56
C PRO A 326 -14.06 7.84 0.06
N PRO A 327 -13.02 7.74 -0.78
CA PRO A 327 -11.65 7.60 -0.26
C PRO A 327 -11.17 8.90 0.39
N GLU A 328 -10.50 8.81 1.53
CA GLU A 328 -9.95 10.01 2.16
C GLU A 328 -8.50 10.24 1.74
N GLY A 329 -7.91 9.22 1.13
CA GLY A 329 -6.53 9.28 0.67
C GLY A 329 -6.33 8.17 -0.32
N GLY A 330 -5.18 8.18 -1.00
CA GLY A 330 -4.90 7.12 -1.97
C GLY A 330 -5.68 7.24 -3.26
N VAL A 331 -5.61 6.20 -4.08
CA VAL A 331 -6.18 6.23 -5.42
C VAL A 331 -7.07 5.03 -5.72
N CYS A 332 -7.61 4.42 -4.68
CA CYS A 332 -8.63 3.39 -4.84
C CYS A 332 -9.71 3.49 -3.77
N ALA A 333 -10.82 2.82 -4.01
CA ALA A 333 -11.92 2.80 -3.06
C ALA A 333 -12.51 1.40 -3.07
N LEU A 334 -13.40 1.12 -2.12
CA LEU A 334 -14.10 -0.14 -2.11
C LEU A 334 -15.63 0.03 -2.29
N PRO A 335 -16.13 0.14 -3.53
CA PRO A 335 -17.60 0.12 -3.67
C PRO A 335 -18.18 -1.20 -3.13
N VAL A 336 -19.34 -1.11 -2.47
CA VAL A 336 -20.08 -2.31 -2.04
C VAL A 336 -21.32 -2.49 -2.93
N PHE A 337 -21.51 -3.69 -3.47
CA PHE A 337 -22.61 -3.94 -4.39
C PHE A 337 -23.84 -4.42 -3.62
N ARG A 338 -24.88 -3.59 -3.65
CA ARG A 338 -26.06 -3.83 -2.80
C ARG A 338 -26.70 -5.21 -3.04
N GLU A 339 -26.67 -5.68 -4.28
CA GLU A 339 -27.25 -6.97 -4.64
C GLU A 339 -26.55 -8.13 -3.91
N LEU A 340 -25.30 -7.92 -3.52
CA LEU A 340 -24.56 -8.89 -2.72
C LEU A 340 -24.86 -8.76 -1.23
N GLU A 341 -25.18 -7.55 -0.79
CA GLU A 341 -25.63 -7.35 0.59
C GLU A 341 -27.01 -7.97 0.81
N ARG A 342 -27.94 -7.69 -0.10
CA ARG A 342 -29.32 -8.19 -0.01
C ARG A 342 -29.37 -9.71 -0.03
N ALA A 343 -28.86 -10.32 -1.10
CA ALA A 343 -28.74 -11.78 -1.18
C ALA A 343 -27.91 -12.37 -0.03
N ALA A 344 -27.17 -11.49 0.67
CA ALA A 344 -26.32 -11.82 1.83
C ALA A 344 -25.28 -12.93 1.60
N ALA A 345 -24.07 -12.53 1.21
CA ALA A 345 -22.91 -13.43 1.00
C ALA A 345 -23.22 -14.60 0.03
N GLY A 346 -22.44 -15.69 0.00
CA GLY A 346 -21.17 -15.85 0.71
C GLY A 346 -20.02 -15.28 -0.11
N PRO A 347 -18.79 -15.32 0.44
CA PRO A 347 -17.66 -14.61 -0.16
C PRO A 347 -17.41 -14.96 -1.64
N GLN A 348 -17.70 -16.18 -2.04
CA GLN A 348 -17.47 -16.62 -3.42
C GLN A 348 -18.28 -15.88 -4.48
N GLU A 349 -19.37 -15.23 -4.07
CA GLU A 349 -20.25 -14.56 -5.01
C GLU A 349 -19.60 -13.32 -5.65
N VAL A 350 -18.88 -12.53 -4.83
CA VAL A 350 -18.13 -11.36 -5.34
C VAL A 350 -17.05 -11.75 -6.37
N GLU A 351 -16.38 -12.89 -6.16
CA GLU A 351 -15.42 -13.38 -7.16
C GLU A 351 -16.10 -13.73 -8.47
N ARG A 352 -17.26 -14.38 -8.40
CA ARG A 352 -18.07 -14.66 -9.60
C ARG A 352 -18.49 -13.36 -10.29
N PHE A 353 -19.04 -12.43 -9.51
CA PHE A 353 -19.39 -11.09 -9.98
C PHE A 353 -18.25 -10.48 -10.81
N CYS A 354 -17.05 -10.44 -10.23
CA CYS A 354 -15.88 -9.83 -10.90
C CYS A 354 -15.44 -10.60 -12.14
N LEU A 355 -15.51 -11.92 -12.09
CA LEU A 355 -15.20 -12.75 -13.24
C LEU A 355 -16.15 -12.47 -14.42
N GLU A 356 -17.44 -12.48 -14.13
CA GLU A 356 -18.46 -12.18 -15.15
C GLU A 356 -18.26 -10.79 -15.77
N LEU A 357 -18.04 -9.79 -14.91
CA LEU A 357 -17.70 -8.43 -15.34
C LEU A 357 -16.53 -8.41 -16.31
N LEU A 358 -15.46 -9.12 -15.95
CA LEU A 358 -14.30 -9.25 -16.82
C LEU A 358 -14.65 -9.98 -18.12
N GLU A 359 -15.33 -11.12 -18.01
CA GLU A 359 -15.69 -11.92 -19.18
C GLU A 359 -16.57 -11.14 -20.16
N ARG A 360 -17.67 -10.60 -19.64
CA ARG A 360 -18.69 -9.96 -20.46
C ARG A 360 -18.35 -8.54 -20.90
N HIS A 361 -17.54 -7.83 -20.11
CA HIS A 361 -17.32 -6.41 -20.36
C HIS A 361 -15.89 -5.96 -20.31
N ARG A 362 -14.95 -6.91 -20.23
CA ARG A 362 -13.52 -6.61 -20.37
C ARG A 362 -13.01 -5.64 -19.29
N THR A 363 -13.68 -5.61 -18.15
CA THR A 363 -13.41 -4.62 -17.11
C THR A 363 -12.93 -5.32 -15.85
N LEU A 364 -11.80 -4.87 -15.31
CA LEU A 364 -11.17 -5.54 -14.15
C LEU A 364 -11.27 -4.73 -12.85
N LEU A 365 -11.84 -5.37 -11.83
CA LEU A 365 -11.81 -4.93 -10.43
C LEU A 365 -11.06 -6.00 -9.66
N VAL A 366 -10.75 -5.76 -8.39
CA VAL A 366 -10.31 -6.85 -7.50
C VAL A 366 -11.41 -7.22 -6.52
N PRO A 367 -11.84 -8.50 -6.50
CA PRO A 367 -12.90 -8.92 -5.57
C PRO A 367 -12.52 -8.68 -4.12
N GLY A 368 -13.52 -8.33 -3.32
CA GLY A 368 -13.31 -7.98 -1.91
C GLY A 368 -12.77 -9.10 -1.03
N THR A 369 -12.90 -10.34 -1.49
CA THR A 369 -12.24 -11.48 -0.82
C THR A 369 -10.73 -11.27 -0.60
N ALA A 370 -10.10 -10.45 -1.44
CA ALA A 370 -8.68 -10.15 -1.28
C ALA A 370 -8.43 -9.27 -0.06
N PHE A 371 -9.50 -8.64 0.46
CA PHE A 371 -9.33 -7.65 1.55
C PHE A 371 -10.29 -7.84 2.72
N GLY A 372 -10.95 -8.99 2.80
CA GLY A 372 -11.85 -9.29 3.90
C GLY A 372 -13.19 -8.58 3.79
N ALA A 373 -13.55 -8.18 2.57
CA ALA A 373 -14.79 -7.43 2.35
C ALA A 373 -15.63 -8.19 1.34
N PRO A 374 -16.40 -9.18 1.82
CA PRO A 374 -17.07 -10.10 0.91
C PRO A 374 -18.06 -9.42 -0.07
N HIS A 375 -18.58 -8.25 0.27
CA HIS A 375 -19.58 -7.60 -0.58
C HIS A 375 -19.07 -6.48 -1.46
N GLY A 376 -17.77 -6.18 -1.35
CA GLY A 376 -17.16 -5.10 -2.12
C GLY A 376 -16.13 -5.56 -3.15
N ALA A 377 -15.64 -4.61 -3.95
CA ALA A 377 -14.51 -4.89 -4.82
C ALA A 377 -13.67 -3.63 -4.84
N ARG A 378 -12.36 -3.78 -5.07
CA ARG A 378 -11.52 -2.60 -5.17
C ARG A 378 -11.60 -1.98 -6.57
N LEU A 379 -11.87 -0.68 -6.59
CA LEU A 379 -11.97 0.07 -7.82
C LEU A 379 -10.90 1.16 -7.74
N GLY A 380 -9.93 1.13 -8.66
CA GLY A 380 -8.82 2.08 -8.64
C GLY A 380 -9.12 3.23 -9.59
N PHE A 381 -8.80 4.45 -9.18
CA PHE A 381 -9.05 5.63 -10.04
C PHE A 381 -7.77 6.36 -10.36
N GLY A 382 -6.63 5.69 -10.13
CA GLY A 382 -5.34 6.27 -10.47
C GLY A 382 -4.82 5.93 -11.86
N GLY A 383 -5.58 5.15 -12.62
CA GLY A 383 -5.23 4.85 -14.01
C GLY A 383 -5.51 6.00 -14.97
N PRO A 384 -5.17 5.80 -16.26
CA PRO A 384 -5.32 6.88 -17.24
C PRO A 384 -6.79 7.30 -17.41
N GLN A 385 -7.03 8.61 -17.52
CA GLN A 385 -8.41 9.10 -17.56
C GLN A 385 -9.26 8.57 -18.72
N GLU A 386 -8.66 8.39 -19.88
CA GLU A 386 -9.40 7.85 -21.03
C GLU A 386 -9.92 6.44 -20.75
N ASP A 387 -9.01 5.44 -20.26
N ASP A 387 -9.06 5.57 -20.23
CA ASP A 387 -9.37 4.08 -19.98
CA ASP A 387 -9.50 4.20 -20.00
C ASP A 387 -10.38 4.03 -18.84
C ASP A 387 -10.45 4.06 -18.80
N PHE A 388 -10.38 5.01 -17.87
CA PHE A 388 -11.24 5.00 -16.67
C PHE A 388 -12.74 5.03 -17.02
N ARG A 389 -13.13 5.94 -17.92
CA ARG A 389 -14.52 6.05 -18.40
C ARG A 389 -14.99 4.73 -19.00
N ALA A 390 -14.13 4.11 -19.82
CA ALA A 390 -14.47 2.87 -20.49
C ALA A 390 -14.75 1.76 -19.49
N GLY A 391 -13.96 1.72 -18.42
CA GLY A 391 -14.16 0.75 -17.35
C GLY A 391 -15.47 0.99 -16.60
N LEU A 392 -15.75 2.24 -16.29
CA LEU A 392 -16.98 2.61 -15.62
C LEU A 392 -18.21 2.28 -16.49
N ASP A 393 -18.14 2.54 -17.79
CA ASP A 393 -19.23 2.15 -18.72
C ASP A 393 -19.49 0.65 -18.70
N GLY A 394 -18.40 -0.13 -18.63
CA GLY A 394 -18.49 -1.57 -18.52
C GLY A 394 -19.15 -2.00 -17.24
N LEU A 395 -18.73 -1.41 -16.12
CA LEU A 395 -19.37 -1.71 -14.85
C LEU A 395 -20.86 -1.29 -14.82
N SER A 396 -21.15 -0.12 -15.39
CA SER A 396 -22.53 0.38 -15.48
C SER A 396 -23.43 -0.60 -16.26
N ARG A 397 -23.03 -0.94 -17.49
CA ARG A 397 -23.75 -1.92 -18.30
C ARG A 397 -23.98 -3.23 -17.55
N PHE A 398 -22.95 -3.70 -16.85
CA PHE A 398 -23.00 -4.94 -16.09
C PHE A 398 -24.02 -4.89 -14.95
N LEU A 399 -24.03 -3.79 -14.19
CA LEU A 399 -24.95 -3.66 -13.07
C LEU A 399 -26.40 -3.56 -13.55
N ARG A 400 -26.59 -2.88 -14.67
CA ARG A 400 -27.91 -2.76 -15.29
C ARG A 400 -28.43 -4.13 -15.74
N GLU A 401 -27.62 -4.86 -16.51
CA GLU A 401 -27.92 -6.23 -16.91
C GLU A 401 -28.44 -7.12 -15.79
N ARG A 402 -27.84 -7.00 -14.60
CA ARG A 402 -28.20 -7.89 -13.50
C ARG A 402 -29.44 -7.47 -12.73
N ALA A 403 -29.78 -6.19 -12.80
CA ALA A 403 -30.82 -5.62 -11.96
C ALA A 403 -32.22 -6.07 -12.40
N1 PLP B . 1.94 -1.89 1.21
C2 PLP B . 0.70 -1.68 0.69
C2A PLP B . -0.41 -1.02 1.46
C3 PLP B . 0.44 -2.07 -0.71
O3 PLP B . -0.77 -1.83 -1.28
C4 PLP B . 1.57 -2.69 -1.45
C4A PLP B . 1.41 -3.14 -2.84
O4A PLP B . 0.43 -3.84 -3.07
C5 PLP B . 2.87 -2.86 -0.77
C6 PLP B . 2.96 -2.46 0.55
C5A PLP B . 4.02 -3.53 -1.51
O4P PLP B . 4.32 -2.90 -2.77
P PLP B . 5.83 -2.72 -3.26
O1P PLP B . 6.56 -3.98 -2.87
O2P PLP B . 6.35 -1.53 -2.50
O3P PLP B . 5.65 -2.53 -4.75
#